data_2BCQ
#
_entry.id   2BCQ
#
_cell.length_a   56.044
_cell.length_b   62.539
_cell.length_c   139.644
_cell.angle_alpha   90.00
_cell.angle_beta   90.00
_cell.angle_gamma   90.00
#
_symmetry.space_group_name_H-M   'P 21 21 21'
#
loop_
_entity.id
_entity.type
_entity.pdbx_description
1 polymer "5'-D(P*GP*CP*CP*G)-3'"
2 polymer "5'-D(*CP*AP*GP*TP*AP*CP*G)-3'"
3 polymer "5'-D(*CP*GP*GP*CP*CP*GP*TP*TP*AP*CP*TP*G)-3'"
4 polymer 'DNA polymerase lambda'
5 non-polymer 'SODIUM ION'
6 non-polymer 'MAGNESIUM ION'
7 non-polymer PYROPHOSPHATE
8 non-polymer 1,2-ETHANEDIOL
9 water water
#
loop_
_entity_poly.entity_id
_entity_poly.type
_entity_poly.pdbx_seq_one_letter_code
_entity_poly.pdbx_strand_id
1 'polydeoxyribonucleotide' (DG)(DC)(DC)(DG) D
2 'polydeoxyribonucleotide' (DC)(DA)(DG)(DT)(DA)(DC)(DG) P
3 'polydeoxyribonucleotide' (DC)(DG)(DG)(DC)(DC)(DG)(DT)(DT)(DA)(DC)(DT)(DG) T
4 'polypeptide(L)'
;MAQPSSQKATNHNLHITEKLEVLAKAYSVQGDKWRALGYAKAINALKSFHKPVTSYQEACSIPGIGKRMAEKIIEILESG
HLRKLDHISESVPVLELFSNIWGAGTKTAQMWYQQGFRSLEDIRSQASLTTQQAIGLKHYSDFLERMPREEATEIEQTVQ
KAAQAFNSGLLCVACGSYRRGKATCGDVDVLITHPDGRSHRGIFSRLLDSLRQEGFLTDDLVSQEENGQQQKYLGVCRLP
GPGRRHRRLDIIVVPYSEFACALLYFTGSAHFNRSMRALAKTKGMSLSEHALSTAVVRNTHGCKVGPGRVLPTPTEKDVF
RLLGLPYREPAERDW
;
A
#
loop_
_chem_comp.id
_chem_comp.type
_chem_comp.name
_chem_comp.formula
DA DNA linking 2'-DEOXYADENOSINE-5'-MONOPHOSPHATE 'C10 H14 N5 O6 P'
DC DNA linking 2'-DEOXYCYTIDINE-5'-MONOPHOSPHATE 'C9 H14 N3 O7 P'
DG DNA linking 2'-DEOXYGUANOSINE-5'-MONOPHOSPHATE 'C10 H14 N5 O7 P'
DT DNA linking THYMIDINE-5'-MONOPHOSPHATE 'C10 H15 N2 O8 P'
EDO non-polymer 1,2-ETHANEDIOL 'C2 H6 O2'
MG non-polymer 'MAGNESIUM ION' 'Mg 2'
NA non-polymer 'SODIUM ION' 'Na 1'
PPV non-polymer PYROPHOSPHATE 'H4 O7 P2'
#
# COMPACT_ATOMS: atom_id res chain seq x y z
N HIS D 12 13.15 13.88 -14.58
CA HIS D 12 12.86 14.65 -15.83
C HIS D 12 12.19 15.98 -15.49
N ASN D 13 11.45 16.00 -14.39
CA ASN D 13 10.76 17.21 -13.94
C ASN D 13 10.77 17.31 -12.43
N LEU D 14 11.88 16.90 -11.81
CA LEU D 14 12.00 16.96 -10.36
C LEU D 14 11.94 18.39 -9.86
N HIS D 15 12.46 19.31 -10.67
CA HIS D 15 12.48 20.72 -10.31
C HIS D 15 11.09 21.28 -10.04
N ILE D 16 10.06 20.53 -10.40
CA ILE D 16 8.69 20.97 -10.16
C ILE D 16 7.90 19.96 -9.33
N THR D 17 8.17 18.68 -9.51
CA THR D 17 7.48 17.65 -8.74
C THR D 17 7.91 17.71 -7.28
N GLU D 18 9.20 17.97 -7.07
CA GLU D 18 9.74 18.05 -5.72
C GLU D 18 8.94 19.06 -4.89
N LYS D 19 8.45 20.10 -5.54
CA LYS D 19 7.68 21.13 -4.86
C LYS D 19 6.24 20.69 -4.66
N LEU D 20 5.66 20.07 -5.68
CA LEU D 20 4.28 19.60 -5.59
C LEU D 20 4.15 18.49 -4.55
N GLU D 21 5.20 17.67 -4.43
N GLU D 21 5.20 17.68 -4.43
CA GLU D 21 5.19 16.57 -3.47
CA GLU D 21 5.22 16.58 -3.48
C GLU D 21 5.07 17.11 -2.05
C GLU D 21 5.06 17.11 -2.06
N VAL D 22 5.57 18.31 -1.82
CA VAL D 22 5.47 18.94 -0.50
C VAL D 22 4.01 19.27 -0.22
N LEU D 23 3.33 19.82 -1.22
CA LEU D 23 1.92 20.16 -1.07
C LEU D 23 1.08 18.90 -0.96
N ALA D 24 1.37 17.91 -1.81
CA ALA D 24 0.64 16.66 -1.79
C ALA D 24 0.67 16.04 -0.40
N LYS D 25 1.85 16.03 0.21
CA LYS D 25 2.01 15.47 1.55
C LYS D 25 1.27 16.30 2.59
N ALA D 26 1.33 17.62 2.44
CA ALA D 26 0.66 18.53 3.36
C ALA D 26 -0.85 18.28 3.37
N TYR D 27 -1.45 18.20 2.19
CA TYR D 27 -2.88 17.95 2.10
C TYR D 27 -3.20 16.57 2.67
N SER D 28 -2.35 15.60 2.35
CA SER D 28 -2.56 14.23 2.84
C SER D 28 -2.60 14.13 4.37
N VAL D 29 -1.60 14.65 5.05
CA VAL D 29 -1.60 14.57 6.51
C VAL D 29 -2.70 15.40 7.15
N GLN D 30 -3.18 16.42 6.46
CA GLN D 30 -4.25 17.25 7.00
C GLN D 30 -5.63 16.63 6.76
N GLY D 31 -5.66 15.52 6.05
CA GLY D 31 -6.92 14.83 5.80
C GLY D 31 -7.66 15.18 4.52
N ASP D 32 -7.07 16.03 3.68
CA ASP D 32 -7.71 16.39 2.41
C ASP D 32 -7.30 15.32 1.39
N LYS D 33 -7.82 14.11 1.58
CA LYS D 33 -7.46 12.97 0.75
C LYS D 33 -7.68 13.06 -0.75
N TRP D 34 -8.78 13.67 -1.18
CA TRP D 34 -9.05 13.76 -2.62
C TRP D 34 -8.11 14.72 -3.31
N ARG D 35 -7.90 15.89 -2.70
CA ARG D 35 -6.99 16.87 -3.27
C ARG D 35 -5.60 16.25 -3.30
N ALA D 36 -5.24 15.56 -2.23
CA ALA D 36 -3.93 14.91 -2.16
C ALA D 36 -3.81 13.88 -3.27
N LEU D 37 -4.89 13.16 -3.54
CA LEU D 37 -4.88 12.15 -4.60
C LEU D 37 -4.62 12.81 -5.95
N GLY D 38 -5.26 13.96 -6.16
CA GLY D 38 -5.09 14.69 -7.41
C GLY D 38 -3.62 15.07 -7.60
N TYR D 39 -3.00 15.56 -6.54
CA TYR D 39 -1.59 15.94 -6.62
C TYR D 39 -0.73 14.71 -6.89
N ALA D 40 -1.03 13.63 -6.17
CA ALA D 40 -0.28 12.39 -6.32
C ALA D 40 -0.26 11.94 -7.78
N LYS D 41 -1.42 11.92 -8.42
CA LYS D 41 -1.51 11.52 -9.82
C LYS D 41 -0.75 12.47 -10.72
N ALA D 42 -0.91 13.77 -10.48
CA ALA D 42 -0.22 14.79 -11.28
C ALA D 42 1.29 14.62 -11.18
N ILE D 43 1.78 14.46 -9.94
CA ILE D 43 3.20 14.29 -9.69
C ILE D 43 3.69 13.01 -10.36
N ASN D 44 2.88 11.96 -10.26
CA ASN D 44 3.23 10.68 -10.86
C ASN D 44 3.36 10.84 -12.37
N ALA D 45 2.42 11.55 -12.97
CA ALA D 45 2.43 11.79 -14.41
C ALA D 45 3.70 12.54 -14.80
N LEU D 46 3.98 13.62 -14.08
CA LEU D 46 5.16 14.43 -14.34
C LEU D 46 6.43 13.61 -14.28
N LYS D 47 6.43 12.58 -13.44
CA LYS D 47 7.59 11.71 -13.32
C LYS D 47 7.60 10.66 -14.42
N SER D 48 6.45 10.06 -14.66
CA SER D 48 6.30 9.04 -15.69
C SER D 48 6.42 9.66 -17.07
N PHE D 49 6.73 10.95 -17.11
CA PHE D 49 6.89 11.66 -18.37
C PHE D 49 8.34 11.59 -18.81
N HIS D 50 8.71 12.36 -19.82
CA HIS D 50 10.09 12.34 -20.31
C HIS D 50 10.62 13.76 -20.54
N LYS D 51 10.00 14.47 -21.46
CA LYS D 51 10.39 15.83 -21.80
C LYS D 51 9.99 16.84 -20.74
N PRO D 52 10.98 17.54 -20.17
CA PRO D 52 10.69 18.55 -19.13
C PRO D 52 9.70 19.59 -19.65
N VAL D 53 8.46 19.53 -19.16
CA VAL D 53 7.42 20.47 -19.58
C VAL D 53 7.93 21.90 -19.53
N THR D 54 7.66 22.65 -20.59
CA THR D 54 8.11 24.03 -20.67
C THR D 54 7.01 24.99 -21.16
N SER D 55 5.78 24.50 -21.23
CA SER D 55 4.67 25.32 -21.68
C SER D 55 3.36 24.99 -20.98
N TYR D 56 2.54 26.01 -20.78
CA TYR D 56 1.24 25.85 -20.13
C TYR D 56 0.40 24.83 -20.88
N GLN D 57 0.09 25.15 -22.13
CA GLN D 57 -0.71 24.27 -22.97
C GLN D 57 -0.09 22.88 -23.05
N GLU D 58 1.23 22.81 -22.93
CA GLU D 58 1.93 21.53 -22.98
C GLU D 58 1.64 20.71 -21.71
N ALA D 59 1.33 21.40 -20.62
CA ALA D 59 1.04 20.74 -19.37
C ALA D 59 -0.39 20.19 -19.38
N CYS D 60 -1.34 21.05 -19.76
CA CYS D 60 -2.74 20.66 -19.82
C CYS D 60 -2.94 19.43 -20.69
N SER D 61 -2.18 19.37 -21.78
CA SER D 61 -2.27 18.25 -22.72
C SER D 61 -1.84 16.94 -22.07
N ILE D 62 -1.41 17.01 -20.82
CA ILE D 62 -0.97 15.82 -20.10
C ILE D 62 -2.08 15.29 -19.18
N PRO D 63 -2.37 13.98 -19.25
CA PRO D 63 -3.40 13.39 -18.42
C PRO D 63 -2.98 13.39 -16.95
N GLY D 64 -3.81 14.03 -16.11
CA GLY D 64 -3.51 14.10 -14.70
C GLY D 64 -3.16 15.52 -14.31
N ILE D 65 -3.05 16.38 -15.31
CA ILE D 65 -2.72 17.78 -15.09
C ILE D 65 -3.80 18.69 -15.68
N GLY D 66 -4.40 19.51 -14.83
CA GLY D 66 -5.44 20.42 -15.27
C GLY D 66 -4.92 21.84 -15.35
N LYS D 67 -5.81 22.79 -15.50
CA LYS D 67 -5.43 24.19 -15.57
C LYS D 67 -4.79 24.65 -14.26
N ARG D 68 -5.41 24.26 -13.15
CA ARG D 68 -4.92 24.61 -11.82
C ARG D 68 -3.49 24.16 -11.62
N MET D 69 -3.22 22.89 -11.92
CA MET D 69 -1.89 22.32 -11.77
C MET D 69 -0.92 22.96 -12.77
N ALA D 70 -1.41 23.21 -13.98
CA ALA D 70 -0.60 23.82 -15.01
C ALA D 70 -0.10 25.20 -14.57
N GLU D 71 -1.00 25.99 -14.00
CA GLU D 71 -0.64 27.32 -13.51
C GLU D 71 0.47 27.23 -12.47
N LYS D 72 0.39 26.20 -11.63
N LYS D 72 0.39 26.20 -11.63
CA LYS D 72 1.37 25.99 -10.56
CA LYS D 72 1.36 25.98 -10.57
C LYS D 72 2.74 25.62 -11.15
C LYS D 72 2.73 25.64 -11.17
N ILE D 73 2.74 24.77 -12.17
CA ILE D 73 3.97 24.35 -12.82
C ILE D 73 4.65 25.56 -13.46
N ILE D 74 3.86 26.40 -14.11
CA ILE D 74 4.36 27.60 -14.78
C ILE D 74 5.10 28.51 -13.80
N GLU D 75 4.49 28.75 -12.65
CA GLU D 75 5.10 29.61 -11.63
C GLU D 75 6.44 29.06 -11.16
N ILE D 76 6.60 27.74 -11.27
CA ILE D 76 7.84 27.09 -10.85
C ILE D 76 8.94 27.24 -11.90
N LEU D 77 8.55 27.55 -13.14
CA LEU D 77 9.51 27.72 -14.22
C LEU D 77 9.79 29.19 -14.49
N GLU D 78 8.84 30.05 -14.13
CA GLU D 78 9.00 31.49 -14.33
C GLU D 78 9.60 32.15 -13.10
N SER D 79 9.24 31.65 -11.93
CA SER D 79 9.73 32.19 -10.67
C SER D 79 10.64 31.20 -9.94
N GLY D 80 10.65 29.96 -10.41
CA GLY D 80 11.48 28.95 -9.77
C GLY D 80 11.07 28.77 -8.32
N HIS D 81 9.79 28.99 -8.05
CA HIS D 81 9.25 28.87 -6.70
C HIS D 81 7.72 28.84 -6.73
N LEU D 82 7.13 28.33 -5.66
CA LEU D 82 5.67 28.25 -5.55
C LEU D 82 5.26 28.91 -4.24
N ARG D 83 4.76 30.15 -4.34
CA ARG D 83 4.34 30.91 -3.16
C ARG D 83 3.47 30.12 -2.21
N LYS D 84 2.74 29.14 -2.75
CA LYS D 84 1.86 28.31 -1.95
C LYS D 84 2.63 27.61 -0.82
N LEU D 85 3.85 27.20 -1.11
CA LEU D 85 4.69 26.52 -0.14
C LEU D 85 5.00 27.37 1.10
N ASP D 86 4.81 28.67 0.98
CA ASP D 86 5.07 29.58 2.09
C ASP D 86 3.88 29.74 3.02
N HIS D 87 2.76 29.11 2.68
CA HIS D 87 1.56 29.22 3.49
C HIS D 87 1.09 27.88 4.05
N ILE D 88 1.99 26.91 4.09
CA ILE D 88 1.66 25.60 4.62
C ILE D 88 1.67 25.69 6.15
N SER D 89 0.58 25.24 6.77
CA SER D 89 0.48 25.29 8.22
C SER D 89 1.71 24.69 8.91
N GLU D 90 2.12 25.33 10.00
CA GLU D 90 3.28 24.88 10.77
C GLU D 90 2.96 23.54 11.43
N SER D 91 1.69 23.17 11.44
CA SER D 91 1.27 21.91 12.06
C SER D 91 1.61 20.69 11.21
N VAL D 92 1.77 20.90 9.90
CA VAL D 92 2.07 19.83 8.97
C VAL D 92 3.22 18.90 9.36
N PRO D 93 4.40 19.46 9.66
CA PRO D 93 5.51 18.58 10.04
C PRO D 93 5.16 17.67 11.22
N VAL D 94 4.41 18.22 12.18
CA VAL D 94 4.00 17.45 13.34
C VAL D 94 2.95 16.41 12.96
N LEU D 95 2.01 16.78 12.10
CA LEU D 95 0.99 15.83 11.68
C LEU D 95 1.64 14.66 10.95
N GLU D 96 2.70 14.94 10.19
CA GLU D 96 3.42 13.89 9.47
C GLU D 96 4.13 13.01 10.50
N LEU D 97 4.78 13.65 11.47
CA LEU D 97 5.47 12.89 12.51
C LEU D 97 4.52 11.91 13.19
N PHE D 98 3.34 12.40 13.55
CA PHE D 98 2.35 11.59 14.24
C PHE D 98 1.71 10.51 13.36
N SER D 99 1.36 10.86 12.12
CA SER D 99 0.72 9.87 11.27
C SER D 99 1.67 8.78 10.79
N ASN D 100 2.96 8.96 11.06
CA ASN D 100 3.90 7.92 10.68
C ASN D 100 3.98 6.84 11.75
N ILE D 101 3.17 6.98 12.80
CA ILE D 101 3.08 5.95 13.83
C ILE D 101 2.08 4.95 13.25
N TRP D 102 2.46 3.68 13.16
CA TRP D 102 1.55 2.66 12.61
C TRP D 102 0.32 2.57 13.48
N GLY D 103 -0.86 2.72 12.88
CA GLY D 103 -2.10 2.63 13.64
C GLY D 103 -2.71 3.99 13.91
N ALA D 104 -1.96 5.04 13.61
CA ALA D 104 -2.44 6.41 13.77
C ALA D 104 -2.51 7.04 12.39
N GLY D 105 -3.67 7.59 12.06
CA GLY D 105 -3.86 8.22 10.78
C GLY D 105 -4.10 9.71 10.96
N THR D 106 -4.64 10.36 9.94
N THR D 106 -4.68 10.33 9.94
CA THR D 106 -4.86 11.81 10.03
CA THR D 106 -4.91 11.78 10.02
C THR D 106 -5.83 12.24 11.13
C THR D 106 -5.82 12.21 11.15
N LYS D 107 -6.86 11.45 11.43
CA LYS D 107 -7.79 11.83 12.51
C LYS D 107 -7.10 11.82 13.87
N THR D 108 -6.31 10.78 14.12
CA THR D 108 -5.61 10.69 15.40
C THR D 108 -4.54 11.77 15.48
N ALA D 109 -3.80 11.98 14.38
CA ALA D 109 -2.76 13.00 14.36
C ALA D 109 -3.36 14.38 14.63
N GLN D 110 -4.49 14.69 14.00
CA GLN D 110 -5.12 16.00 14.21
C GLN D 110 -5.60 16.16 15.64
N MET D 111 -6.12 15.08 16.22
CA MET D 111 -6.60 15.14 17.60
C MET D 111 -5.44 15.42 18.54
N TRP D 112 -4.36 14.66 18.38
CA TRP D 112 -3.20 14.84 19.24
C TRP D 112 -2.64 16.26 19.14
N TYR D 113 -2.63 16.79 17.93
CA TYR D 113 -2.12 18.14 17.74
C TYR D 113 -3.02 19.15 18.44
N GLN D 114 -4.33 18.94 18.34
N GLN D 114 -4.34 18.96 18.33
CA GLN D 114 -5.29 19.83 18.97
CA GLN D 114 -5.27 19.89 18.99
C GLN D 114 -5.07 19.78 20.48
C GLN D 114 -5.11 19.77 20.51
N GLN D 115 -4.72 18.61 21.00
CA GLN D 115 -4.52 18.42 22.43
C GLN D 115 -3.21 19.01 22.94
N GLY D 116 -2.45 19.60 22.02
CA GLY D 116 -1.19 20.22 22.40
C GLY D 116 0.08 19.43 22.20
N PHE D 117 -0.04 18.18 21.75
CA PHE D 117 1.13 17.34 21.55
C PHE D 117 1.91 17.80 20.32
N ARG D 118 3.23 17.79 20.43
CA ARG D 118 4.08 18.26 19.35
C ARG D 118 5.25 17.35 19.00
N SER D 119 5.55 16.38 19.86
CA SER D 119 6.68 15.48 19.60
C SER D 119 6.34 14.06 20.03
N LEU D 120 7.17 13.10 19.63
CA LEU D 120 6.92 11.72 20.02
C LEU D 120 7.09 11.55 21.52
N GLU D 121 7.86 12.45 22.15
CA GLU D 121 8.04 12.38 23.59
C GLU D 121 6.69 12.71 24.23
N ASP D 122 5.97 13.67 23.64
CA ASP D 122 4.66 14.05 24.14
C ASP D 122 3.72 12.86 23.99
N ILE D 123 3.82 12.16 22.86
CA ILE D 123 2.95 11.01 22.63
C ILE D 123 3.25 9.90 23.64
N ARG D 124 4.52 9.56 23.78
CA ARG D 124 4.94 8.50 24.69
C ARG D 124 4.49 8.75 26.13
N SER D 125 4.69 9.97 26.60
CA SER D 125 4.36 10.33 27.98
C SER D 125 2.94 10.76 28.30
N GLN D 126 2.23 11.33 27.33
CA GLN D 126 0.88 11.83 27.61
C GLN D 126 -0.29 11.29 26.79
N ALA D 127 -0.01 10.78 25.60
CA ALA D 127 -1.10 10.29 24.73
C ALA D 127 -1.64 8.92 25.10
N SER D 128 -2.93 8.73 24.83
CA SER D 128 -3.59 7.45 25.08
C SER D 128 -3.37 6.67 23.79
N LEU D 129 -2.61 5.58 23.85
CA LEU D 129 -2.32 4.80 22.66
C LEU D 129 -3.09 3.50 22.56
N THR D 130 -3.48 3.13 21.34
CA THR D 130 -4.16 1.87 21.13
C THR D 130 -3.04 0.83 21.17
N THR D 131 -3.42 -0.43 21.26
CA THR D 131 -2.43 -1.50 21.29
C THR D 131 -1.52 -1.43 20.06
N GLN D 132 -2.12 -1.20 18.89
CA GLN D 132 -1.33 -1.11 17.65
C GLN D 132 -0.39 0.07 17.66
N GLN D 133 -0.89 1.23 18.08
CA GLN D 133 -0.08 2.45 18.10
C GLN D 133 1.12 2.35 19.03
N ALA D 134 0.96 1.63 20.14
CA ALA D 134 2.06 1.47 21.09
C ALA D 134 3.16 0.64 20.42
N ILE D 135 2.76 -0.33 19.62
CA ILE D 135 3.70 -1.16 18.89
C ILE D 135 4.34 -0.30 17.79
N GLY D 136 3.52 0.52 17.14
CA GLY D 136 4.03 1.39 16.10
C GLY D 136 5.06 2.36 16.62
N LEU D 137 4.81 2.91 17.81
CA LEU D 137 5.73 3.86 18.41
C LEU D 137 7.04 3.18 18.77
N LYS D 138 6.95 2.00 19.39
CA LYS D 138 8.15 1.25 19.78
C LYS D 138 9.05 0.98 18.58
N HIS D 139 8.45 0.78 17.41
CA HIS D 139 9.20 0.52 16.20
C HIS D 139 9.12 1.69 15.22
N TYR D 140 9.06 2.92 15.76
CA TYR D 140 8.93 4.08 14.89
C TYR D 140 9.97 4.14 13.77
N SER D 141 11.24 4.13 14.12
CA SER D 141 12.30 4.17 13.13
C SER D 141 12.27 2.92 12.26
N ASP D 142 12.11 1.76 12.90
CA ASP D 142 12.07 0.48 12.21
C ASP D 142 11.09 0.47 11.04
N PHE D 143 9.87 0.92 11.29
CA PHE D 143 8.83 0.91 10.26
C PHE D 143 8.97 1.95 9.14
N LEU D 144 9.97 2.82 9.23
CA LEU D 144 10.17 3.83 8.19
C LEU D 144 11.36 3.41 7.32
N GLU D 145 11.99 2.30 7.69
CA GLU D 145 13.14 1.77 6.97
C GLU D 145 12.73 0.74 5.94
N ARG D 146 13.60 0.52 4.96
CA ARG D 146 13.36 -0.49 3.94
C ARG D 146 14.49 -1.49 4.11
N MET D 147 14.29 -2.71 3.60
CA MET D 147 15.30 -3.76 3.72
C MET D 147 15.76 -4.18 2.34
N PRO D 148 17.00 -4.70 2.24
CA PRO D 148 17.44 -5.13 0.91
C PRO D 148 16.55 -6.31 0.52
N ARG D 149 16.28 -6.49 -0.77
CA ARG D 149 15.40 -7.59 -1.16
C ARG D 149 15.90 -8.95 -0.72
N GLU D 150 17.21 -9.08 -0.52
CA GLU D 150 17.80 -10.34 -0.08
C GLU D 150 17.23 -10.73 1.29
N GLU D 151 16.97 -9.73 2.13
CA GLU D 151 16.41 -10.00 3.46
C GLU D 151 14.94 -10.41 3.33
N ALA D 152 14.25 -9.81 2.35
CA ALA D 152 12.85 -10.15 2.13
C ALA D 152 12.79 -11.63 1.73
N THR D 153 13.79 -12.08 0.99
CA THR D 153 13.83 -13.48 0.57
C THR D 153 13.95 -14.35 1.82
N GLU D 154 14.80 -13.97 2.75
CA GLU D 154 15.00 -14.73 3.98
C GLU D 154 13.71 -14.82 4.79
N ILE D 155 12.98 -13.72 4.85
CA ILE D 155 11.73 -13.68 5.59
C ILE D 155 10.68 -14.56 4.92
N GLU D 156 10.60 -14.48 3.59
CA GLU D 156 9.64 -15.29 2.84
C GLU D 156 9.95 -16.77 3.07
N GLN D 157 11.24 -17.11 3.04
CA GLN D 157 11.69 -18.49 3.25
C GLN D 157 11.36 -18.97 4.65
N THR D 158 11.47 -18.07 5.63
CA THR D 158 11.18 -18.43 7.00
C THR D 158 9.72 -18.81 7.13
N VAL D 159 8.85 -18.01 6.53
CA VAL D 159 7.41 -18.27 6.58
C VAL D 159 7.08 -19.55 5.80
N GLN D 160 7.66 -19.68 4.61
CA GLN D 160 7.42 -20.86 3.78
C GLN D 160 7.81 -22.15 4.48
N LYS D 161 8.99 -22.15 5.10
CA LYS D 161 9.48 -23.32 5.81
C LYS D 161 8.52 -23.72 6.92
N ALA D 162 8.07 -22.74 7.70
CA ALA D 162 7.15 -22.99 8.80
C ALA D 162 5.82 -23.55 8.29
N ALA D 163 5.37 -23.04 7.14
CA ALA D 163 4.10 -23.48 6.58
C ALA D 163 4.18 -24.88 5.98
N GLN D 164 5.22 -25.14 5.18
CA GLN D 164 5.39 -26.43 4.56
C GLN D 164 5.76 -27.51 5.58
N ALA D 165 6.10 -27.10 6.78
CA ALA D 165 6.47 -28.01 7.85
C ALA D 165 5.29 -28.92 8.20
N PHE D 166 4.07 -28.38 8.16
CA PHE D 166 2.91 -29.19 8.48
C PHE D 166 2.05 -29.51 7.26
N ASN D 167 2.48 -29.03 6.09
CA ASN D 167 1.79 -29.29 4.84
C ASN D 167 2.65 -28.83 3.67
N SER D 168 3.49 -29.74 3.18
CA SER D 168 4.40 -29.44 2.07
C SER D 168 3.66 -29.03 0.79
N GLY D 169 2.35 -29.17 0.79
CA GLY D 169 1.57 -28.81 -0.38
C GLY D 169 1.23 -27.33 -0.45
N LEU D 170 1.46 -26.62 0.65
CA LEU D 170 1.18 -25.19 0.72
C LEU D 170 2.10 -24.38 -0.20
N LEU D 171 1.49 -23.52 -1.01
CA LEU D 171 2.21 -22.68 -1.94
C LEU D 171 2.38 -21.29 -1.32
N CYS D 172 3.63 -20.88 -1.11
CA CYS D 172 3.92 -19.58 -0.50
C CYS D 172 4.69 -18.70 -1.48
N VAL D 173 4.24 -17.45 -1.64
CA VAL D 173 4.88 -16.54 -2.57
C VAL D 173 5.00 -15.13 -2.02
N ALA D 174 6.20 -14.54 -2.15
CA ALA D 174 6.44 -13.18 -1.69
C ALA D 174 5.96 -12.26 -2.80
N CYS D 175 5.09 -11.33 -2.44
CA CYS D 175 4.52 -10.41 -3.42
C CYS D 175 5.02 -8.98 -3.25
N GLY D 176 4.12 -8.01 -3.39
CA GLY D 176 4.50 -6.61 -3.24
C GLY D 176 5.71 -6.18 -4.05
N SER D 177 6.46 -5.22 -3.53
CA SER D 177 7.64 -4.70 -4.20
C SER D 177 8.68 -5.79 -4.49
N TYR D 178 8.69 -6.83 -3.67
CA TYR D 178 9.63 -7.92 -3.87
C TYR D 178 9.37 -8.58 -5.22
N ARG D 179 8.12 -8.97 -5.46
CA ARG D 179 7.77 -9.61 -6.72
C ARG D 179 7.91 -8.66 -7.90
N ARG D 180 7.73 -7.35 -7.66
CA ARG D 180 7.86 -6.39 -8.73
C ARG D 180 9.34 -6.14 -9.06
N GLY D 181 10.22 -6.84 -8.35
CA GLY D 181 11.65 -6.73 -8.59
C GLY D 181 12.43 -5.55 -8.03
N LYS D 182 11.90 -4.89 -7.01
CA LYS D 182 12.60 -3.74 -6.43
C LYS D 182 13.82 -4.17 -5.62
N ALA D 183 14.81 -3.29 -5.56
CA ALA D 183 16.05 -3.58 -4.83
C ALA D 183 15.84 -3.58 -3.31
N THR D 184 14.86 -2.81 -2.84
CA THR D 184 14.58 -2.75 -1.42
C THR D 184 13.08 -2.91 -1.20
N CYS D 185 12.70 -3.41 -0.04
CA CYS D 185 11.31 -3.66 0.29
C CYS D 185 10.91 -3.07 1.65
N GLY D 186 9.65 -2.65 1.76
CA GLY D 186 9.15 -2.11 3.01
C GLY D 186 8.54 -3.24 3.81
N ASP D 187 7.28 -3.56 3.48
CA ASP D 187 6.55 -4.66 4.12
C ASP D 187 6.76 -5.92 3.29
N VAL D 188 7.13 -7.03 3.91
CA VAL D 188 7.27 -8.28 3.16
C VAL D 188 5.85 -8.84 3.09
N ASP D 189 5.39 -9.17 1.89
CA ASP D 189 4.04 -9.67 1.68
C ASP D 189 4.04 -11.12 1.23
N VAL D 190 3.55 -12.02 2.07
CA VAL D 190 3.52 -13.43 1.70
C VAL D 190 2.09 -13.92 1.51
N LEU D 191 1.85 -14.48 0.33
CA LEU D 191 0.55 -15.04 -0.02
C LEU D 191 0.69 -16.55 0.12
N ILE D 192 -0.29 -17.17 0.77
CA ILE D 192 -0.29 -18.61 0.98
C ILE D 192 -1.59 -19.22 0.50
N THR D 193 -1.50 -20.34 -0.21
CA THR D 193 -2.69 -21.02 -0.70
C THR D 193 -2.34 -22.49 -0.89
N HIS D 194 -3.28 -23.28 -1.38
CA HIS D 194 -3.02 -24.71 -1.60
C HIS D 194 -3.80 -25.20 -2.81
N PRO D 195 -3.12 -25.94 -3.71
CA PRO D 195 -3.70 -26.49 -4.94
C PRO D 195 -4.96 -27.34 -4.76
N ASP D 196 -5.10 -28.03 -3.64
CA ASP D 196 -6.28 -28.87 -3.44
C ASP D 196 -7.54 -28.05 -3.15
N GLY D 197 -7.37 -26.75 -3.00
CA GLY D 197 -8.49 -25.86 -2.74
C GLY D 197 -9.22 -26.06 -1.42
N ARG D 198 -8.55 -26.65 -0.44
CA ARG D 198 -9.19 -26.87 0.86
C ARG D 198 -8.22 -26.85 2.05
N SER D 199 -6.98 -27.27 1.83
CA SER D 199 -5.99 -27.31 2.90
C SER D 199 -5.50 -25.95 3.40
N HIS D 200 -6.06 -24.88 2.85
CA HIS D 200 -5.68 -23.53 3.26
C HIS D 200 -6.51 -23.10 4.45
N ARG D 201 -7.61 -23.81 4.69
CA ARG D 201 -8.52 -23.48 5.78
C ARG D 201 -7.95 -23.70 7.18
N GLY D 202 -8.18 -22.71 8.04
CA GLY D 202 -7.71 -22.77 9.41
C GLY D 202 -6.27 -23.21 9.62
N ILE D 203 -5.33 -22.50 9.04
CA ILE D 203 -3.92 -22.83 9.19
C ILE D 203 -3.16 -21.69 9.86
N PHE D 204 -3.82 -20.54 10.00
CA PHE D 204 -3.17 -19.39 10.62
C PHE D 204 -2.66 -19.66 12.03
N SER D 205 -3.55 -20.08 12.93
CA SER D 205 -3.12 -20.35 14.30
C SER D 205 -1.93 -21.30 14.35
N ARG D 206 -1.93 -22.32 13.50
CA ARG D 206 -0.82 -23.27 13.48
C ARG D 206 0.43 -22.61 12.94
N LEU D 207 0.29 -21.88 11.84
CA LEU D 207 1.42 -21.19 11.22
C LEU D 207 1.99 -20.12 12.15
N LEU D 208 1.11 -19.27 12.68
CA LEU D 208 1.54 -18.21 13.58
C LEU D 208 2.16 -18.76 14.86
N ASP D 209 1.59 -19.82 15.40
CA ASP D 209 2.14 -20.40 16.63
C ASP D 209 3.52 -20.96 16.37
N SER D 210 3.72 -21.51 15.18
CA SER D 210 5.01 -22.07 14.81
C SER D 210 6.04 -20.94 14.70
N LEU D 211 5.64 -19.85 14.06
CA LEU D 211 6.55 -18.71 13.90
C LEU D 211 6.85 -18.02 15.22
N ARG D 212 5.95 -18.16 16.19
CA ARG D 212 6.15 -17.57 17.50
C ARG D 212 7.08 -18.46 18.31
N GLN D 213 6.94 -19.76 18.12
CA GLN D 213 7.74 -20.76 18.81
C GLN D 213 9.22 -20.48 18.63
N GLU D 214 9.62 -20.14 17.40
CA GLU D 214 11.01 -19.86 17.11
C GLU D 214 11.42 -18.41 17.38
N GLY D 215 10.49 -17.64 17.94
CA GLY D 215 10.77 -16.25 18.26
C GLY D 215 10.86 -15.31 17.07
N PHE D 216 10.42 -15.78 15.91
CA PHE D 216 10.45 -14.98 14.69
C PHE D 216 9.48 -13.82 14.75
N LEU D 217 8.25 -14.09 15.15
CA LEU D 217 7.23 -13.04 15.26
C LEU D 217 7.43 -12.39 16.63
N THR D 218 7.53 -11.06 16.65
CA THR D 218 7.75 -10.32 17.88
C THR D 218 6.53 -9.52 18.36
N ASP D 219 5.64 -9.18 17.43
CA ASP D 219 4.44 -8.42 17.80
C ASP D 219 3.37 -8.56 16.73
N ASP D 220 2.11 -8.54 17.14
CA ASP D 220 0.99 -8.65 16.20
C ASP D 220 0.21 -7.34 16.12
N LEU D 221 -0.07 -6.89 14.91
CA LEU D 221 -0.83 -5.65 14.71
C LEU D 221 -2.28 -5.97 14.37
N VAL D 222 -2.48 -6.89 13.42
CA VAL D 222 -3.81 -7.29 13.00
C VAL D 222 -3.78 -8.81 12.84
N SER D 223 -4.59 -9.51 13.64
CA SER D 223 -4.62 -10.96 13.58
C SER D 223 -5.85 -11.46 14.33
N GLN D 224 -6.92 -11.70 13.58
CA GLN D 224 -8.16 -12.17 14.18
C GLN D 224 -8.13 -13.69 14.26
N GLU D 225 -7.48 -14.21 15.30
CA GLU D 225 -7.34 -15.65 15.47
C GLU D 225 -8.51 -16.35 16.14
N GLU D 226 -9.53 -15.60 16.53
CA GLU D 226 -10.71 -16.18 17.15
C GLU D 226 -11.57 -16.76 16.04
N ASN D 227 -11.45 -16.15 14.86
CA ASN D 227 -12.21 -16.57 13.70
C ASN D 227 -11.41 -17.49 12.79
N GLY D 228 -11.94 -18.69 12.56
CA GLY D 228 -11.26 -19.64 11.71
C GLY D 228 -11.30 -19.15 10.26
N GLN D 229 -11.94 -18.01 10.04
CA GLN D 229 -12.07 -17.42 8.72
C GLN D 229 -11.07 -16.29 8.50
N GLN D 230 -10.10 -16.18 9.40
CA GLN D 230 -9.06 -15.14 9.29
C GLN D 230 -8.47 -15.12 7.89
N GLN D 231 -8.31 -13.93 7.32
CA GLN D 231 -7.76 -13.80 5.99
C GLN D 231 -6.34 -13.24 6.00
N LYS D 232 -6.06 -12.36 6.95
CA LYS D 232 -4.74 -11.74 6.98
C LYS D 232 -4.08 -11.65 8.35
N TYR D 233 -2.76 -11.47 8.32
CA TYR D 233 -1.95 -11.27 9.51
C TYR D 233 -1.02 -10.11 9.17
N LEU D 234 -1.03 -9.09 10.00
CA LEU D 234 -0.14 -7.95 9.82
C LEU D 234 0.65 -7.94 11.12
N GLY D 235 1.97 -8.07 11.03
CA GLY D 235 2.75 -8.09 12.25
C GLY D 235 4.20 -7.66 12.11
N VAL D 236 4.98 -8.05 13.09
CA VAL D 236 6.40 -7.70 13.15
C VAL D 236 7.24 -8.94 13.36
N CYS D 237 8.35 -9.03 12.64
CA CYS D 237 9.25 -10.16 12.76
C CYS D 237 10.68 -9.67 12.79
N ARG D 238 11.60 -10.58 13.11
CA ARG D 238 13.02 -10.24 13.12
C ARG D 238 13.81 -11.52 12.98
N LEU D 239 14.66 -11.58 11.96
CA LEU D 239 15.49 -12.74 11.70
C LEU D 239 16.49 -12.90 12.86
N PRO D 240 17.04 -14.11 13.04
CA PRO D 240 18.00 -14.39 14.11
C PRO D 240 19.39 -13.79 13.82
N GLY D 241 20.20 -13.72 14.87
CA GLY D 241 21.55 -13.18 14.69
C GLY D 241 21.72 -11.70 14.95
N PRO D 242 22.97 -11.22 14.95
CA PRO D 242 23.25 -9.80 15.18
C PRO D 242 22.97 -8.94 13.96
N GLY D 243 22.88 -7.63 14.18
CA GLY D 243 22.65 -6.71 13.08
C GLY D 243 21.31 -6.84 12.40
N ARG D 244 20.32 -7.40 13.09
CA ARG D 244 18.99 -7.56 12.51
C ARG D 244 18.01 -6.52 13.05
N ARG D 245 17.12 -6.07 12.19
CA ARG D 245 16.13 -5.07 12.55
C ARG D 245 14.74 -5.69 12.50
N HIS D 246 13.80 -5.09 13.23
CA HIS D 246 12.43 -5.57 13.20
C HIS D 246 11.81 -5.13 11.88
N ARG D 247 11.13 -6.06 11.22
CA ARG D 247 10.51 -5.77 9.93
C ARG D 247 9.02 -6.04 9.93
N ARG D 248 8.30 -5.37 9.05
CA ARG D 248 6.85 -5.56 8.94
C ARG D 248 6.59 -6.76 8.04
N LEU D 249 5.70 -7.64 8.48
CA LEU D 249 5.36 -8.84 7.73
C LEU D 249 3.85 -8.92 7.57
N ASP D 250 3.39 -9.11 6.34
CA ASP D 250 1.97 -9.21 6.05
C ASP D 250 1.75 -10.55 5.37
N ILE D 251 0.84 -11.36 5.92
CA ILE D 251 0.54 -12.66 5.36
C ILE D 251 -0.94 -12.78 5.04
N ILE D 252 -1.27 -13.32 3.87
CA ILE D 252 -2.67 -13.55 3.53
C ILE D 252 -2.79 -15.00 3.09
N VAL D 253 -3.86 -15.65 3.53
CA VAL D 253 -4.12 -17.04 3.19
C VAL D 253 -5.40 -17.02 2.37
N VAL D 254 -5.35 -17.55 1.16
CA VAL D 254 -6.51 -17.53 0.28
C VAL D 254 -6.82 -18.88 -0.35
N PRO D 255 -8.09 -19.10 -0.71
CA PRO D 255 -8.48 -20.36 -1.35
C PRO D 255 -7.93 -20.36 -2.78
N TYR D 256 -7.56 -21.53 -3.28
CA TYR D 256 -6.99 -21.64 -4.61
C TYR D 256 -7.77 -20.94 -5.73
N SER D 257 -9.10 -20.99 -5.66
CA SER D 257 -9.93 -20.36 -6.68
C SER D 257 -9.72 -18.86 -6.82
N GLU D 258 -9.21 -18.24 -5.76
CA GLU D 258 -8.97 -16.79 -5.77
C GLU D 258 -7.49 -16.46 -5.88
N PHE D 259 -6.67 -17.49 -6.10
CA PHE D 259 -5.23 -17.30 -6.20
C PHE D 259 -4.78 -16.19 -7.14
N ALA D 260 -5.28 -16.19 -8.37
CA ALA D 260 -4.90 -15.18 -9.34
C ALA D 260 -5.24 -13.76 -8.89
N CYS D 261 -6.47 -13.55 -8.44
CA CYS D 261 -6.87 -12.21 -7.99
C CYS D 261 -6.13 -11.79 -6.72
N ALA D 262 -5.85 -12.75 -5.84
CA ALA D 262 -5.14 -12.44 -4.61
C ALA D 262 -3.69 -12.06 -4.95
N LEU D 263 -3.11 -12.80 -5.88
CA LEU D 263 -1.73 -12.57 -6.31
C LEU D 263 -1.60 -11.22 -7.00
N LEU D 264 -2.55 -10.91 -7.87
CA LEU D 264 -2.55 -9.64 -8.58
C LEU D 264 -2.63 -8.52 -7.56
N TYR D 265 -3.58 -8.64 -6.63
CA TYR D 265 -3.76 -7.64 -5.59
C TYR D 265 -2.51 -7.42 -4.74
N PHE D 266 -1.98 -8.50 -4.17
CA PHE D 266 -0.83 -8.42 -3.28
C PHE D 266 0.48 -8.03 -3.96
N THR D 267 0.54 -8.16 -5.28
CA THR D 267 1.73 -7.79 -6.02
C THR D 267 1.73 -6.28 -6.31
N GLY D 268 0.54 -5.70 -6.45
CA GLY D 268 0.42 -4.28 -6.69
C GLY D 268 1.05 -3.77 -7.98
N SER D 269 1.51 -2.52 -8.00
CA SER D 269 1.49 -1.61 -6.86
C SER D 269 0.07 -1.18 -6.48
N ALA D 270 -0.04 -0.42 -5.40
CA ALA D 270 -1.35 0.05 -4.95
C ALA D 270 -2.01 0.90 -6.03
N HIS D 271 -1.26 1.84 -6.59
N HIS D 271 -1.25 1.83 -6.61
CA HIS D 271 -1.83 2.70 -7.61
CA HIS D 271 -1.81 2.71 -7.65
C HIS D 271 -2.19 1.91 -8.86
C HIS D 271 -2.21 1.88 -8.86
N PHE D 272 -1.40 0.89 -9.16
CA PHE D 272 -1.69 0.02 -10.31
C PHE D 272 -3.01 -0.69 -10.05
N ASN D 273 -3.19 -1.21 -8.84
CA ASN D 273 -4.43 -1.90 -8.50
C ASN D 273 -5.64 -0.98 -8.64
N ARG D 274 -5.51 0.24 -8.13
CA ARG D 274 -6.62 1.20 -8.19
C ARG D 274 -6.97 1.53 -9.64
N SER D 275 -5.95 1.68 -10.49
CA SER D 275 -6.15 1.99 -11.90
C SER D 275 -6.87 0.83 -12.60
N MET D 276 -6.43 -0.38 -12.29
CA MET D 276 -7.01 -1.58 -12.89
C MET D 276 -8.46 -1.79 -12.45
N ARG D 277 -8.74 -1.53 -11.17
CA ARG D 277 -10.10 -1.70 -10.67
C ARG D 277 -11.00 -0.60 -11.23
N ALA D 278 -10.45 0.59 -11.41
CA ALA D 278 -11.21 1.70 -11.97
C ALA D 278 -11.62 1.35 -13.39
N LEU D 279 -10.68 0.77 -14.14
CA LEU D 279 -10.95 0.36 -15.52
C LEU D 279 -12.05 -0.68 -15.54
N ALA D 280 -11.96 -1.66 -14.66
CA ALA D 280 -12.95 -2.72 -14.59
C ALA D 280 -14.35 -2.14 -14.37
N LYS D 281 -14.46 -1.12 -13.53
CA LYS D 281 -15.76 -0.52 -13.26
C LYS D 281 -16.35 0.15 -14.50
N THR D 282 -15.49 0.75 -15.33
CA THR D 282 -15.96 1.42 -16.54
C THR D 282 -16.53 0.40 -17.53
N LYS D 283 -16.21 -0.86 -17.33
CA LYS D 283 -16.68 -1.92 -18.21
C LYS D 283 -17.81 -2.74 -17.60
N GLY D 284 -18.43 -2.20 -16.56
CA GLY D 284 -19.52 -2.89 -15.91
C GLY D 284 -19.08 -4.12 -15.14
N MET D 285 -17.78 -4.16 -14.80
CA MET D 285 -17.21 -5.27 -14.08
C MET D 285 -16.71 -4.79 -12.72
N SER D 286 -16.17 -5.69 -11.91
CA SER D 286 -15.62 -5.32 -10.62
C SER D 286 -14.41 -6.19 -10.37
N LEU D 287 -13.36 -5.61 -9.79
CA LEU D 287 -12.16 -6.36 -9.52
C LEU D 287 -11.72 -6.15 -8.08
N SER D 288 -11.46 -7.25 -7.37
CA SER D 288 -10.98 -7.18 -5.99
C SER D 288 -10.00 -8.31 -5.77
N GLU D 289 -9.44 -8.38 -4.58
CA GLU D 289 -8.49 -9.44 -4.24
C GLU D 289 -9.17 -10.80 -4.20
N HIS D 290 -10.50 -10.79 -4.21
CA HIS D 290 -11.27 -12.05 -4.18
C HIS D 290 -11.65 -12.54 -5.57
N ALA D 291 -12.03 -11.62 -6.45
CA ALA D 291 -12.45 -12.03 -7.78
C ALA D 291 -12.70 -10.91 -8.77
N LEU D 292 -12.81 -11.31 -10.04
CA LEU D 292 -13.12 -10.40 -11.12
C LEU D 292 -14.53 -10.82 -11.50
N SER D 293 -15.47 -9.87 -11.45
CA SER D 293 -16.86 -10.18 -11.78
C SER D 293 -17.35 -9.37 -12.96
N THR D 294 -18.33 -9.92 -13.67
CA THR D 294 -18.91 -9.27 -14.83
C THR D 294 -20.40 -9.06 -14.58
N ALA D 295 -21.00 -8.17 -15.36
CA ALA D 295 -22.43 -7.87 -15.23
C ALA D 295 -22.78 -7.39 -13.83
N VAL D 296 -21.92 -6.56 -13.27
CA VAL D 296 -22.15 -6.02 -11.94
C VAL D 296 -23.16 -4.88 -11.99
N VAL D 297 -24.07 -4.87 -11.03
CA VAL D 297 -25.10 -3.84 -10.95
C VAL D 297 -24.67 -2.75 -9.97
N ARG D 298 -24.69 -1.50 -10.43
CA ARG D 298 -24.30 -0.38 -9.61
C ARG D 298 -25.35 0.74 -9.59
N ASN D 299 -25.37 1.50 -8.51
CA ASN D 299 -26.31 2.61 -8.38
C ASN D 299 -25.75 3.84 -9.10
N THR D 300 -26.47 4.96 -9.00
CA THR D 300 -26.05 6.19 -9.64
C THR D 300 -24.74 6.74 -9.04
N HIS D 301 -24.35 6.20 -7.89
CA HIS D 301 -23.13 6.64 -7.23
C HIS D 301 -21.97 5.66 -7.47
N GLY D 302 -22.16 4.75 -8.41
CA GLY D 302 -21.12 3.78 -8.73
C GLY D 302 -20.87 2.70 -7.70
N CYS D 303 -21.74 2.60 -6.70
CA CYS D 303 -21.59 1.59 -5.66
C CYS D 303 -22.19 0.27 -6.12
N LYS D 304 -21.51 -0.84 -5.80
CA LYS D 304 -22.00 -2.15 -6.20
C LYS D 304 -23.26 -2.54 -5.45
N VAL D 305 -24.35 -2.72 -6.20
CA VAL D 305 -25.63 -3.12 -5.62
C VAL D 305 -25.90 -4.58 -5.98
N GLY D 306 -25.53 -4.94 -7.21
CA GLY D 306 -25.71 -6.31 -7.68
C GLY D 306 -24.35 -6.98 -7.84
N PRO D 307 -24.18 -8.22 -7.38
CA PRO D 307 -22.92 -8.96 -7.47
C PRO D 307 -22.46 -9.36 -8.87
N GLY D 308 -23.40 -9.61 -9.76
CA GLY D 308 -23.02 -10.02 -11.11
C GLY D 308 -22.54 -11.46 -11.07
N ARG D 309 -21.64 -11.82 -11.98
CA ARG D 309 -21.12 -13.18 -12.03
C ARG D 309 -19.60 -13.21 -11.91
N VAL D 310 -19.08 -14.07 -11.04
CA VAL D 310 -17.63 -14.20 -10.87
C VAL D 310 -17.06 -14.92 -12.08
N LEU D 311 -16.05 -14.32 -12.71
CA LEU D 311 -15.42 -14.91 -13.89
C LEU D 311 -14.30 -15.86 -13.51
N PRO D 312 -14.11 -16.93 -14.29
CA PRO D 312 -13.05 -17.90 -14.02
C PRO D 312 -11.71 -17.24 -14.31
N THR D 313 -10.86 -17.09 -13.28
CA THR D 313 -9.55 -16.48 -13.48
C THR D 313 -8.45 -17.33 -12.86
N PRO D 314 -8.11 -18.44 -13.52
CA PRO D 314 -7.06 -19.33 -13.01
C PRO D 314 -5.66 -18.71 -12.95
N THR D 315 -5.40 -17.71 -13.79
CA THR D 315 -4.10 -17.05 -13.80
C THR D 315 -4.22 -15.53 -13.93
N GLU D 316 -3.14 -14.83 -13.62
CA GLU D 316 -3.13 -13.38 -13.74
C GLU D 316 -3.40 -12.96 -15.17
N LYS D 317 -2.85 -13.72 -16.13
CA LYS D 317 -3.05 -13.41 -17.54
C LYS D 317 -4.53 -13.36 -17.85
N ASP D 318 -5.30 -14.25 -17.25
CA ASP D 318 -6.74 -14.29 -17.48
C ASP D 318 -7.41 -12.99 -17.06
N VAL D 319 -6.98 -12.43 -15.93
CA VAL D 319 -7.56 -11.18 -15.47
C VAL D 319 -7.33 -10.07 -16.50
N PHE D 320 -6.09 -9.95 -16.98
CA PHE D 320 -5.79 -8.94 -17.98
C PHE D 320 -6.62 -9.18 -19.24
N ARG D 321 -6.61 -10.43 -19.71
CA ARG D 321 -7.35 -10.82 -20.91
C ARG D 321 -8.83 -10.47 -20.85
N LEU D 322 -9.47 -10.79 -19.74
CA LEU D 322 -10.89 -10.51 -19.56
C LEU D 322 -11.17 -9.01 -19.48
N LEU D 323 -10.13 -8.22 -19.17
CA LEU D 323 -10.27 -6.77 -19.09
C LEU D 323 -9.84 -6.11 -20.40
N GLY D 324 -9.51 -6.91 -21.40
CA GLY D 324 -9.09 -6.37 -22.69
C GLY D 324 -7.77 -5.64 -22.57
N LEU D 325 -6.92 -6.10 -21.65
CA LEU D 325 -5.63 -5.47 -21.43
C LEU D 325 -4.46 -6.40 -21.71
N PRO D 326 -3.37 -5.85 -22.27
CA PRO D 326 -2.19 -6.67 -22.57
C PRO D 326 -1.57 -7.06 -21.23
N TYR D 327 -1.14 -8.31 -21.10
CA TYR D 327 -0.55 -8.76 -19.84
C TYR D 327 0.71 -7.98 -19.50
N ARG D 328 0.91 -7.70 -18.22
CA ARG D 328 2.09 -6.97 -17.78
C ARG D 328 2.82 -7.74 -16.69
N GLU D 329 4.13 -7.88 -16.85
CA GLU D 329 4.96 -8.57 -15.88
C GLU D 329 4.89 -7.74 -14.61
N PRO D 330 5.12 -8.36 -13.44
CA PRO D 330 5.07 -7.61 -12.19
C PRO D 330 5.93 -6.35 -12.22
N ALA D 331 7.11 -6.46 -12.82
CA ALA D 331 8.02 -5.32 -12.90
C ALA D 331 7.40 -4.15 -13.68
N GLU D 332 6.40 -4.44 -14.50
CA GLU D 332 5.74 -3.40 -15.28
C GLU D 332 4.44 -2.90 -14.62
N ARG D 333 4.31 -3.18 -13.33
CA ARG D 333 3.12 -2.75 -12.59
C ARG D 333 3.59 -1.85 -11.45
N ASP D 334 4.84 -1.39 -11.54
CA ASP D 334 5.43 -0.55 -10.50
C ASP D 334 5.00 0.90 -10.66
N TRP D 335 3.70 1.16 -10.51
CA TRP D 335 3.14 2.50 -10.64
C TRP D 335 3.14 3.27 -9.33
NA NA E . 0.18 5.78 10.62
NA NA F . -5.89 -11.11 17.77
NA NA G . -9.07 -9.59 19.75
MG MG H . 4.84 -4.47 0.70
O11 PPV I . 7.66 -2.27 -0.54
P1 PPV I . 6.51 -1.41 0.05
O21 PPV I . 7.03 0.05 0.23
O31 PPV I . 6.03 -2.14 1.28
OPP PPV I . 5.50 -1.45 -1.13
P2 PPV I . 4.65 -2.66 -1.70
O12 PPV I . 5.46 -3.88 -1.55
O22 PPV I . 3.37 -2.64 -0.93
O32 PPV I . 4.52 -2.15 -3.16
C1 EDO J . -7.59 -11.45 0.64
O1 EDO J . -8.32 -12.62 0.24
C2 EDO J . -7.13 -11.42 2.10
O2 EDO J . -6.93 -10.10 2.66
#